data_1LB7
#
_entry.id   1LB7
#
_entity_poly.entity_id   1
_entity_poly.type   'polypeptide(L)'
_entity_poly.pdbx_seq_one_letter_code
;RNCFESVAALRRCMYG
;
_entity_poly.pdbx_strand_id   A
#
# COMPACT_ATOMS: atom_id res chain seq x y z
N ARG A 1 -1.45 1.68 6.98
CA ARG A 1 -2.58 0.94 7.57
C ARG A 1 -3.61 0.60 6.49
N ASN A 2 -4.23 1.65 5.92
CA ASN A 2 -5.19 1.53 4.83
C ASN A 2 -4.41 1.43 3.53
N CYS A 3 -3.90 0.22 3.24
CA CYS A 3 -3.01 -0.04 2.10
C CYS A 3 -3.61 0.47 0.78
N PHE A 4 -4.91 0.25 0.58
CA PHE A 4 -5.62 0.65 -0.63
C PHE A 4 -6.15 2.08 -0.49
N GLU A 5 -5.24 3.02 -0.27
CA GLU A 5 -5.50 4.46 -0.24
C GLU A 5 -4.76 5.17 -1.38
N SER A 6 -3.58 4.67 -1.75
CA SER A 6 -2.78 5.17 -2.86
C SER A 6 -1.98 4.03 -3.46
N VAL A 7 -1.49 4.21 -4.69
CA VAL A 7 -0.64 3.25 -5.37
C VAL A 7 0.66 3.03 -4.58
N ALA A 8 1.20 4.09 -3.98
CA ALA A 8 2.40 4.03 -3.15
C ALA A 8 2.16 3.13 -1.94
N ALA A 9 1.09 3.42 -1.17
CA ALA A 9 0.72 2.65 0.00
C ALA A 9 0.51 1.17 -0.35
N LEU A 10 -0.25 0.92 -1.42
CA LEU A 10 -0.53 -0.42 -1.93
C LEU A 10 0.77 -1.17 -2.21
N ARG A 11 1.66 -0.58 -3.02
CA ARG A 11 2.96 -1.15 -3.37
C ARG A 11 3.77 -1.53 -2.13
N ARG A 12 4.09 -0.56 -1.28
CA ARG A 12 4.91 -0.80 -0.10
C ARG A 12 4.28 -1.85 0.82
N CYS A 13 2.96 -1.81 1.00
CA CYS A 13 2.22 -2.77 1.81
C CYS A 13 2.36 -4.20 1.27
N MET A 14 2.08 -4.41 -0.02
CA MET A 14 2.12 -5.75 -0.61
C MET A 14 3.55 -6.29 -0.69
N TYR A 15 4.55 -5.42 -0.89
CA TYR A 15 5.95 -5.79 -0.79
C TYR A 15 6.26 -6.26 0.63
N GLY A 16 5.89 -5.45 1.62
CA GLY A 16 6.10 -5.72 3.04
C GLY A 16 5.78 -4.47 3.85
N ARG A 1 -7.75 -2.60 8.90
CA ARG A 1 -7.13 -1.70 7.93
C ARG A 1 -6.84 -2.43 6.62
N ASN A 2 -7.01 -1.73 5.48
CA ASN A 2 -6.70 -2.23 4.15
C ASN A 2 -5.87 -1.18 3.43
N CYS A 3 -4.77 -1.61 2.78
CA CYS A 3 -3.79 -0.73 2.17
C CYS A 3 -4.26 -0.28 0.78
N PHE A 4 -5.22 0.65 0.75
CA PHE A 4 -5.75 1.24 -0.48
C PHE A 4 -5.89 2.75 -0.30
N GLU A 5 -4.80 3.41 0.12
CA GLU A 5 -4.71 4.86 0.25
C GLU A 5 -4.24 5.44 -1.09
N SER A 6 -3.25 4.79 -1.70
CA SER A 6 -2.67 5.15 -2.99
C SER A 6 -1.97 3.93 -3.57
N VAL A 7 -1.58 4.01 -4.85
CA VAL A 7 -0.79 2.97 -5.50
C VAL A 7 0.57 2.79 -4.80
N ALA A 8 1.14 3.89 -4.30
CA ALA A 8 2.38 3.88 -3.54
C ALA A 8 2.21 3.15 -2.21
N ALA A 9 1.15 3.47 -1.47
CA ALA A 9 0.85 2.83 -0.18
C ALA A 9 0.60 1.33 -0.38
N LEU A 10 -0.22 0.97 -1.37
CA LEU A 10 -0.52 -0.40 -1.75
C LEU A 10 0.80 -1.15 -2.03
N ARG A 11 1.61 -0.61 -2.95
CA ARG A 11 2.88 -1.17 -3.36
C ARG A 11 3.80 -1.44 -2.17
N ARG A 12 4.01 -0.41 -1.33
CA ARG A 12 4.87 -0.49 -0.17
C ARG A 12 4.38 -1.58 0.80
N CYS A 13 3.09 -1.50 1.15
CA CYS A 13 2.43 -2.39 2.10
C CYS A 13 2.52 -3.85 1.67
N MET A 14 2.18 -4.16 0.42
CA MET A 14 2.22 -5.54 -0.07
C MET A 14 3.65 -6.08 -0.11
N TYR A 15 4.64 -5.21 -0.38
CA TYR A 15 6.05 -5.54 -0.25
C TYR A 15 6.54 -5.30 1.19
N GLY A 16 5.73 -5.66 2.19
CA GLY A 16 6.07 -5.56 3.59
C GLY A 16 6.24 -4.10 4.02
N ARG A 1 -3.15 -1.70 7.80
CA ARG A 1 -4.33 -0.82 7.65
C ARG A 1 -4.88 -0.88 6.21
N ASN A 2 -5.57 0.19 5.80
CA ASN A 2 -6.11 0.31 4.46
C ASN A 2 -4.98 0.64 3.48
N CYS A 3 -4.31 -0.41 2.98
CA CYS A 3 -3.25 -0.30 2.00
C CYS A 3 -3.84 -0.16 0.58
N PHE A 4 -4.79 0.77 0.43
CA PHE A 4 -5.48 1.06 -0.82
C PHE A 4 -5.77 2.57 -0.94
N GLU A 5 -5.28 3.38 0.02
CA GLU A 5 -5.40 4.83 -0.01
C GLU A 5 -4.62 5.44 -1.18
N SER A 6 -3.55 4.77 -1.62
CA SER A 6 -2.78 5.17 -2.79
C SER A 6 -2.07 3.95 -3.38
N VAL A 7 -1.63 4.08 -4.64
CA VAL A 7 -0.82 3.08 -5.30
C VAL A 7 0.52 2.87 -4.57
N ALA A 8 1.07 3.95 -4.01
CA ALA A 8 2.30 3.91 -3.21
C ALA A 8 2.07 3.07 -1.95
N ALA A 9 0.99 3.35 -1.21
CA ALA A 9 0.65 2.61 -0.01
C ALA A 9 0.50 1.12 -0.33
N LEU A 10 -0.33 0.79 -1.31
CA LEU A 10 -0.55 -0.57 -1.81
C LEU A 10 0.79 -1.25 -2.09
N ARG A 11 1.58 -0.66 -3.00
CA ARG A 11 2.87 -1.15 -3.44
C ARG A 11 3.76 -1.54 -2.26
N ARG A 12 4.13 -0.57 -1.42
CA ARG A 12 5.08 -0.80 -0.33
C ARG A 12 4.53 -1.77 0.72
N CYS A 13 3.24 -1.64 1.05
CA CYS A 13 2.58 -2.48 2.05
C CYS A 13 2.65 -3.96 1.69
N MET A 14 2.10 -4.34 0.52
CA MET A 14 2.12 -5.72 0.06
C MET A 14 3.55 -6.15 -0.27
N TYR A 15 4.23 -5.41 -1.14
CA TYR A 15 5.57 -5.75 -1.60
C TYR A 15 6.61 -5.15 -0.65
N GLY A 16 6.51 -5.51 0.64
CA GLY A 16 7.35 -5.01 1.72
C GLY A 16 6.56 -5.02 3.03
N ARG A 1 -9.08 1.58 7.81
CA ARG A 1 -8.56 2.19 6.57
C ARG A 1 -7.40 1.35 6.04
N ASN A 2 -7.66 0.49 5.05
CA ASN A 2 -6.71 -0.47 4.52
C ASN A 2 -5.58 0.19 3.72
N CYS A 3 -4.63 -0.63 3.24
CA CYS A 3 -3.43 -0.18 2.55
C CYS A 3 -3.70 0.54 1.22
N PHE A 4 -4.87 0.33 0.61
CA PHE A 4 -5.14 0.80 -0.75
C PHE A 4 -5.70 2.23 -0.73
N GLU A 5 -4.99 3.13 -0.03
CA GLU A 5 -5.26 4.56 -0.04
C GLU A 5 -4.64 5.21 -1.28
N SER A 6 -3.50 4.67 -1.75
CA SER A 6 -2.78 5.14 -2.91
C SER A 6 -2.01 3.98 -3.53
N VAL A 7 -1.52 4.18 -4.77
CA VAL A 7 -0.67 3.19 -5.43
C VAL A 7 0.64 2.97 -4.67
N ALA A 8 1.22 4.05 -4.12
CA ALA A 8 2.43 4.00 -3.33
C ALA A 8 2.21 3.15 -2.07
N ALA A 9 1.14 3.44 -1.32
CA ALA A 9 0.79 2.71 -0.10
C ALA A 9 0.53 1.24 -0.40
N LEU A 10 -0.27 0.96 -1.45
CA LEU A 10 -0.58 -0.38 -1.92
C LEU A 10 0.71 -1.16 -2.18
N ARG A 11 1.62 -0.59 -3.00
CA ARG A 11 2.87 -1.22 -3.37
C ARG A 11 3.73 -1.51 -2.14
N ARG A 12 4.02 -0.49 -1.32
CA ARG A 12 4.84 -0.62 -0.13
C ARG A 12 4.29 -1.73 0.79
N CYS A 13 2.97 -1.70 1.03
CA CYS A 13 2.28 -2.64 1.90
C CYS A 13 2.41 -4.08 1.39
N MET A 14 2.14 -4.34 0.10
CA MET A 14 2.24 -5.69 -0.44
C MET A 14 3.70 -6.15 -0.52
N TYR A 15 4.66 -5.21 -0.66
CA TYR A 15 6.09 -5.49 -0.53
C TYR A 15 6.54 -5.56 0.94
N GLY A 16 5.60 -5.58 1.89
CA GLY A 16 5.89 -5.52 3.31
C GLY A 16 6.02 -4.08 3.76
N ARG A 1 -2.85 5.77 5.53
CA ARG A 1 -3.34 4.91 6.64
C ARG A 1 -3.46 3.46 6.17
N ASN A 2 -4.58 3.14 5.51
CA ASN A 2 -4.80 1.81 4.95
C ASN A 2 -3.98 1.62 3.68
N CYS A 3 -3.66 0.36 3.35
CA CYS A 3 -2.89 -0.02 2.18
C CYS A 3 -3.57 0.44 0.89
N PHE A 4 -4.89 0.21 0.79
CA PHE A 4 -5.65 0.45 -0.43
C PHE A 4 -6.17 1.88 -0.41
N GLU A 5 -5.25 2.84 -0.52
CA GLU A 5 -5.54 4.27 -0.61
C GLU A 5 -4.79 4.83 -1.81
N SER A 6 -3.46 4.94 -1.71
CA SER A 6 -2.59 5.37 -2.78
C SER A 6 -1.88 4.16 -3.40
N VAL A 7 -1.42 4.31 -4.64
CA VAL A 7 -0.60 3.30 -5.31
C VAL A 7 0.69 3.04 -4.54
N ALA A 8 1.26 4.10 -3.93
CA ALA A 8 2.46 4.01 -3.11
C ALA A 8 2.21 3.16 -1.86
N ALA A 9 1.10 3.41 -1.15
CA ALA A 9 0.73 2.65 0.04
C ALA A 9 0.48 1.18 -0.30
N LEU A 10 -0.24 0.91 -1.39
CA LEU A 10 -0.55 -0.43 -1.85
C LEU A 10 0.75 -1.17 -2.17
N ARG A 11 1.58 -0.59 -3.04
CA ARG A 11 2.89 -1.09 -3.46
C ARG A 11 3.76 -1.44 -2.25
N ARG A 12 3.91 -0.49 -1.32
CA ARG A 12 4.66 -0.65 -0.09
C ARG A 12 4.13 -1.86 0.69
N CYS A 13 2.83 -1.84 0.98
CA CYS A 13 2.15 -2.81 1.82
C CYS A 13 2.27 -4.24 1.29
N MET A 14 1.99 -4.45 -0.01
CA MET A 14 1.98 -5.78 -0.60
C MET A 14 3.38 -6.41 -0.60
N TYR A 15 4.44 -5.60 -0.75
CA TYR A 15 5.81 -6.05 -0.57
C TYR A 15 6.05 -6.37 0.91
N GLY A 16 5.72 -5.42 1.79
CA GLY A 16 5.87 -5.56 3.22
C GLY A 16 5.57 -4.22 3.89
N ARG A 1 -5.35 5.97 7.74
CA ARG A 1 -4.59 5.46 6.58
C ARG A 1 -4.91 4.00 6.29
N ASN A 2 -4.63 3.55 5.07
CA ASN A 2 -4.85 2.19 4.63
C ASN A 2 -3.88 1.85 3.49
N CYS A 3 -3.64 0.56 3.26
CA CYS A 3 -2.83 0.07 2.16
C CYS A 3 -3.49 0.45 0.83
N PHE A 4 -4.78 0.11 0.68
CA PHE A 4 -5.55 0.38 -0.52
C PHE A 4 -6.15 1.77 -0.39
N GLU A 5 -5.30 2.78 -0.67
CA GLU A 5 -5.59 4.20 -0.50
C GLU A 5 -4.87 4.99 -1.60
N SER A 6 -3.55 4.74 -1.75
CA SER A 6 -2.72 5.29 -2.82
C SER A 6 -1.91 4.15 -3.43
N VAL A 7 -1.37 4.37 -4.64
CA VAL A 7 -0.50 3.41 -5.31
C VAL A 7 0.76 3.15 -4.46
N ALA A 8 1.32 4.20 -3.85
CA ALA A 8 2.49 4.10 -2.98
C ALA A 8 2.18 3.16 -1.81
N ALA A 9 1.12 3.46 -1.05
CA ALA A 9 0.70 2.66 0.09
C ALA A 9 0.46 1.21 -0.32
N LEU A 10 -0.29 1.01 -1.42
CA LEU A 10 -0.65 -0.30 -1.94
C LEU A 10 0.60 -1.15 -2.19
N ARG A 11 1.50 -0.66 -3.04
CA ARG A 11 2.69 -1.39 -3.46
C ARG A 11 3.59 -1.71 -2.26
N ARG A 12 3.94 -0.68 -1.47
CA ARG A 12 4.82 -0.85 -0.32
C ARG A 12 4.24 -1.83 0.70
N CYS A 13 2.92 -1.77 0.93
CA CYS A 13 2.24 -2.65 1.88
C CYS A 13 2.36 -4.12 1.48
N MET A 14 1.92 -4.48 0.26
CA MET A 14 1.96 -5.87 -0.18
C MET A 14 3.40 -6.35 -0.37
N TYR A 15 4.26 -5.53 -0.96
CA TYR A 15 5.68 -5.83 -1.13
C TYR A 15 6.47 -5.22 0.04
N GLY A 16 6.08 -5.58 1.27
CA GLY A 16 6.69 -5.09 2.49
C GLY A 16 5.66 -5.10 3.61
N ARG A 1 -3.65 -3.01 6.99
CA ARG A 1 -5.10 -3.10 6.77
C ARG A 1 -5.53 -2.21 5.61
N ASN A 2 -5.67 -0.90 5.88
CA ASN A 2 -6.02 0.10 4.89
C ASN A 2 -4.79 0.43 4.05
N CYS A 3 -4.45 -0.48 3.13
CA CYS A 3 -3.33 -0.34 2.20
C CYS A 3 -3.75 0.35 0.90
N PHE A 4 -5.06 0.32 0.57
CA PHE A 4 -5.58 0.87 -0.68
C PHE A 4 -5.95 2.34 -0.49
N GLU A 5 -4.95 3.13 -0.07
CA GLU A 5 -5.02 4.57 0.09
C GLU A 5 -4.48 5.23 -1.18
N SER A 6 -3.37 4.70 -1.70
CA SER A 6 -2.73 5.13 -2.92
C SER A 6 -1.99 3.93 -3.53
N VAL A 7 -1.59 4.07 -4.80
CA VAL A 7 -0.76 3.08 -5.47
C VAL A 7 0.56 2.89 -4.73
N ALA A 8 1.13 3.98 -4.19
CA ALA A 8 2.34 3.96 -3.40
C ALA A 8 2.14 3.15 -2.12
N ALA A 9 1.11 3.49 -1.34
CA ALA A 9 0.81 2.80 -0.09
C ALA A 9 0.60 1.30 -0.31
N LEU A 10 -0.18 0.95 -1.35
CA LEU A 10 -0.45 -0.43 -1.71
C LEU A 10 0.85 -1.14 -2.09
N ARG A 11 1.68 -0.53 -2.93
CA ARG A 11 2.98 -1.04 -3.36
C ARG A 11 3.88 -1.34 -2.14
N ARG A 12 4.00 -0.39 -1.20
CA ARG A 12 4.77 -0.59 0.02
C ARG A 12 4.19 -1.77 0.83
N CYS A 13 2.87 -1.79 1.02
CA CYS A 13 2.18 -2.79 1.82
C CYS A 13 2.39 -4.20 1.28
N MET A 14 2.17 -4.43 -0.02
CA MET A 14 2.31 -5.76 -0.60
C MET A 14 3.77 -6.21 -0.57
N TYR A 15 4.72 -5.30 -0.87
CA TYR A 15 6.15 -5.58 -0.79
C TYR A 15 6.70 -5.09 0.55
N GLY A 16 6.04 -5.47 1.65
CA GLY A 16 6.43 -5.06 3.00
C GLY A 16 5.20 -5.11 3.91
N ARG A 1 -4.11 -6.27 4.85
CA ARG A 1 -4.19 -4.88 5.36
C ARG A 1 -4.94 -3.98 4.37
N ASN A 2 -5.63 -2.96 4.89
CA ASN A 2 -6.46 -2.04 4.12
C ASN A 2 -5.63 -0.94 3.44
N CYS A 3 -4.54 -1.35 2.76
CA CYS A 3 -3.58 -0.47 2.13
C CYS A 3 -4.07 -0.05 0.74
N PHE A 4 -5.14 0.75 0.68
CA PHE A 4 -5.75 1.17 -0.57
C PHE A 4 -6.05 2.67 -0.55
N GLU A 5 -5.12 3.46 0.03
CA GLU A 5 -5.17 4.90 0.06
C GLU A 5 -4.46 5.49 -1.17
N SER A 6 -3.43 4.81 -1.69
CA SER A 6 -2.71 5.17 -2.89
C SER A 6 -2.01 3.95 -3.47
N VAL A 7 -1.56 4.06 -4.73
CA VAL A 7 -0.77 3.03 -5.39
C VAL A 7 0.56 2.83 -4.66
N ALA A 8 1.17 3.91 -4.17
CA ALA A 8 2.39 3.86 -3.39
C ALA A 8 2.18 3.07 -2.10
N ALA A 9 1.15 3.45 -1.32
CA ALA A 9 0.80 2.76 -0.09
C ALA A 9 0.59 1.27 -0.35
N LEU A 10 -0.24 0.93 -1.33
CA LEU A 10 -0.52 -0.44 -1.74
C LEU A 10 0.77 -1.21 -2.02
N ARG A 11 1.60 -0.72 -2.96
CA ARG A 11 2.84 -1.36 -3.36
C ARG A 11 3.75 -1.63 -2.17
N ARG A 12 4.16 -0.57 -1.46
CA ARG A 12 5.08 -0.67 -0.33
C ARG A 12 4.52 -1.59 0.76
N CYS A 13 3.21 -1.51 1.04
CA CYS A 13 2.54 -2.33 2.03
C CYS A 13 2.62 -3.82 1.69
N MET A 14 2.32 -4.22 0.45
CA MET A 14 2.39 -5.63 0.06
C MET A 14 3.83 -6.14 0.04
N TYR A 15 4.79 -5.29 -0.33
CA TYR A 15 6.21 -5.64 -0.29
C TYR A 15 6.66 -5.85 1.16
N GLY A 16 6.20 -4.98 2.07
CA GLY A 16 6.53 -5.03 3.48
C GLY A 16 7.94 -4.49 3.71
N ARG A 1 -1.99 0.13 8.00
CA ARG A 1 -3.26 -0.58 7.79
C ARG A 1 -3.97 -0.12 6.51
N ASN A 2 -3.92 1.18 6.21
CA ASN A 2 -4.59 1.79 5.08
C ASN A 2 -3.76 1.59 3.81
N CYS A 3 -3.68 0.33 3.35
CA CYS A 3 -2.93 -0.04 2.17
C CYS A 3 -3.59 0.51 0.91
N PHE A 4 -4.89 0.30 0.77
CA PHE A 4 -5.64 0.58 -0.45
C PHE A 4 -6.17 2.02 -0.43
N GLU A 5 -5.26 2.98 -0.30
CA GLU A 5 -5.54 4.42 -0.33
C GLU A 5 -4.79 5.09 -1.49
N SER A 6 -3.62 4.57 -1.87
CA SER A 6 -2.81 5.09 -2.95
C SER A 6 -1.95 3.96 -3.54
N VAL A 7 -1.42 4.21 -4.74
CA VAL A 7 -0.52 3.28 -5.42
C VAL A 7 0.75 3.06 -4.59
N ALA A 8 1.25 4.12 -3.94
CA ALA A 8 2.43 4.05 -3.08
C ALA A 8 2.13 3.16 -1.87
N ALA A 9 1.03 3.42 -1.16
CA ALA A 9 0.64 2.65 0.01
C ALA A 9 0.46 1.17 -0.34
N LEU A 10 -0.28 0.89 -1.43
CA LEU A 10 -0.49 -0.45 -1.98
C LEU A 10 0.86 -1.13 -2.23
N ARG A 11 1.75 -0.48 -3.01
CA ARG A 11 3.06 -0.97 -3.39
C ARG A 11 3.87 -1.39 -2.17
N ARG A 12 4.04 -0.48 -1.20
CA ARG A 12 4.79 -0.76 0.03
C ARG A 12 4.14 -1.91 0.80
N CYS A 13 2.81 -1.91 0.91
CA CYS A 13 2.05 -2.88 1.68
C CYS A 13 2.21 -4.31 1.14
N MET A 14 2.13 -4.51 -0.18
CA MET A 14 2.33 -5.83 -0.76
C MET A 14 3.77 -6.33 -0.57
N TYR A 15 4.75 -5.41 -0.57
CA TYR A 15 6.14 -5.75 -0.32
C TYR A 15 6.38 -5.90 1.20
N GLY A 16 7.56 -6.44 1.56
CA GLY A 16 7.95 -6.65 2.94
C GLY A 16 9.32 -7.30 3.00
N ARG A 1 -4.70 5.89 5.19
CA ARG A 1 -5.41 5.09 6.21
C ARG A 1 -5.07 3.61 6.06
N ASN A 2 -5.43 3.03 4.91
CA ASN A 2 -5.25 1.62 4.59
C ASN A 2 -4.29 1.45 3.40
N CYS A 3 -3.97 0.21 3.05
CA CYS A 3 -3.06 -0.12 1.96
C CYS A 3 -3.54 0.45 0.62
N PHE A 4 -4.86 0.40 0.35
CA PHE A 4 -5.43 0.85 -0.91
C PHE A 4 -5.82 2.34 -0.87
N GLU A 5 -5.25 3.13 0.05
CA GLU A 5 -5.45 4.57 0.06
C GLU A 5 -4.72 5.24 -1.11
N SER A 6 -3.60 4.65 -1.55
CA SER A 6 -2.89 5.05 -2.76
C SER A 6 -2.15 3.85 -3.35
N VAL A 7 -1.71 3.99 -4.61
CA VAL A 7 -0.89 2.99 -5.29
C VAL A 7 0.48 2.85 -4.59
N ALA A 8 1.02 3.95 -4.07
CA ALA A 8 2.28 3.96 -3.33
C ALA A 8 2.14 3.17 -2.03
N ALA A 9 1.07 3.43 -1.26
CA ALA A 9 0.77 2.70 -0.04
C ALA A 9 0.59 1.21 -0.33
N LEU A 10 -0.12 0.87 -1.42
CA LEU A 10 -0.36 -0.52 -1.80
C LEU A 10 0.96 -1.21 -2.17
N ARG A 11 1.82 -0.53 -2.94
CA ARG A 11 3.13 -1.02 -3.35
C ARG A 11 4.00 -1.35 -2.13
N ARG A 12 4.06 -0.44 -1.16
CA ARG A 12 4.77 -0.69 0.10
C ARG A 12 4.14 -1.88 0.82
N CYS A 13 2.81 -1.87 0.98
CA CYS A 13 2.05 -2.85 1.76
C CYS A 13 2.28 -4.27 1.26
N MET A 14 2.19 -4.51 -0.05
CA MET A 14 2.36 -5.84 -0.62
C MET A 14 3.78 -6.38 -0.39
N TYR A 15 4.80 -5.51 -0.38
CA TYR A 15 6.17 -5.90 -0.08
C TYR A 15 6.30 -6.21 1.42
N GLY A 16 5.84 -5.28 2.26
CA GLY A 16 5.91 -5.37 3.70
C GLY A 16 5.67 -3.98 4.30
N ARG A 1 -0.42 2.54 7.69
CA ARG A 1 -1.30 3.20 6.72
C ARG A 1 -2.26 2.21 6.06
N ASN A 2 -3.42 2.70 5.61
CA ASN A 2 -4.34 1.92 4.79
C ASN A 2 -3.64 1.59 3.47
N CYS A 3 -3.55 0.30 3.15
CA CYS A 3 -2.92 -0.18 1.92
C CYS A 3 -3.67 0.33 0.69
N PHE A 4 -5.00 0.25 0.71
CA PHE A 4 -5.85 0.66 -0.40
C PHE A 4 -6.22 2.13 -0.24
N GLU A 5 -5.18 2.98 -0.31
CA GLU A 5 -5.24 4.43 -0.16
C GLU A 5 -4.63 5.10 -1.38
N SER A 6 -3.45 4.63 -1.80
CA SER A 6 -2.73 5.10 -2.97
C SER A 6 -1.92 3.96 -3.57
N VAL A 7 -1.40 4.16 -4.78
CA VAL A 7 -0.49 3.22 -5.43
C VAL A 7 0.78 3.03 -4.60
N ALA A 8 1.24 4.09 -3.92
CA ALA A 8 2.38 4.05 -3.02
C ALA A 8 2.08 3.18 -1.81
N ALA A 9 0.93 3.41 -1.16
CA ALA A 9 0.50 2.63 -0.01
C ALA A 9 0.39 1.15 -0.35
N LEU A 10 -0.33 0.84 -1.44
CA LEU A 10 -0.54 -0.52 -1.93
C LEU A 10 0.80 -1.17 -2.24
N ARG A 11 1.65 -0.49 -3.01
CA ARG A 11 2.97 -0.94 -3.42
C ARG A 11 3.80 -1.38 -2.21
N ARG A 12 3.98 -0.49 -1.23
CA ARG A 12 4.80 -0.75 -0.05
C ARG A 12 4.18 -1.84 0.83
N CYS A 13 2.86 -1.79 1.04
CA CYS A 13 2.12 -2.79 1.80
C CYS A 13 2.30 -4.19 1.21
N MET A 14 2.20 -4.30 -0.12
CA MET A 14 2.42 -5.53 -0.85
C MET A 14 3.87 -5.98 -0.67
N TYR A 15 4.83 -5.07 -0.85
CA TYR A 15 6.25 -5.34 -0.65
C TYR A 15 6.62 -5.17 0.83
N GLY A 16 5.89 -5.86 1.72
CA GLY A 16 6.12 -5.83 3.16
C GLY A 16 5.68 -4.49 3.76
N ARG A 1 -3.51 -3.86 6.32
CA ARG A 1 -4.89 -4.28 6.04
C ARG A 1 -5.47 -3.51 4.87
N ASN A 2 -6.08 -2.36 5.16
CA ASN A 2 -6.74 -1.51 4.18
C ASN A 2 -5.71 -0.62 3.47
N CYS A 3 -4.74 -1.26 2.81
CA CYS A 3 -3.64 -0.59 2.14
C CYS A 3 -4.07 -0.13 0.74
N PHE A 4 -5.12 0.70 0.67
CA PHE A 4 -5.70 1.18 -0.58
C PHE A 4 -5.90 2.69 -0.51
N GLU A 5 -4.94 3.39 0.10
CA GLU A 5 -4.93 4.84 0.24
C GLU A 5 -4.37 5.47 -1.03
N SER A 6 -3.32 4.83 -1.59
CA SER A 6 -2.70 5.19 -2.85
C SER A 6 -2.02 3.96 -3.44
N VAL A 7 -1.68 4.05 -4.72
CA VAL A 7 -0.92 3.02 -5.42
C VAL A 7 0.43 2.80 -4.71
N ALA A 8 1.09 3.90 -4.30
CA ALA A 8 2.35 3.85 -3.58
C ALA A 8 2.18 3.10 -2.25
N ALA A 9 1.14 3.42 -1.48
CA ALA A 9 0.85 2.76 -0.21
C ALA A 9 0.63 1.26 -0.42
N LEU A 10 -0.14 0.88 -1.45
CA LEU A 10 -0.42 -0.51 -1.79
C LEU A 10 0.90 -1.24 -2.10
N ARG A 11 1.73 -0.68 -3.00
CA ARG A 11 3.03 -1.24 -3.34
C ARG A 11 3.91 -1.43 -2.10
N ARG A 12 4.03 -0.40 -1.26
CA ARG A 12 4.83 -0.45 -0.05
C ARG A 12 4.34 -1.59 0.84
N CYS A 13 3.04 -1.58 1.16
CA CYS A 13 2.38 -2.51 2.07
C CYS A 13 2.55 -3.96 1.63
N MET A 14 2.23 -4.29 0.36
CA MET A 14 2.35 -5.65 -0.13
C MET A 14 3.82 -6.12 -0.10
N TYR A 15 4.76 -5.23 -0.42
CA TYR A 15 6.19 -5.51 -0.32
C TYR A 15 6.75 -5.02 1.02
N GLY A 16 6.07 -5.39 2.11
CA GLY A 16 6.48 -5.07 3.47
C GLY A 16 6.26 -3.59 3.79
N ARG A 1 -2.59 3.76 7.63
CA ARG A 1 -3.98 4.10 7.26
C ARG A 1 -4.66 2.91 6.58
N ASN A 2 -4.32 2.68 5.31
CA ASN A 2 -4.88 1.64 4.48
C ASN A 2 -3.88 1.34 3.36
N CYS A 3 -3.75 0.06 3.00
CA CYS A 3 -2.97 -0.38 1.85
C CYS A 3 -3.56 0.25 0.58
N PHE A 4 -4.89 0.22 0.43
CA PHE A 4 -5.58 0.80 -0.72
C PHE A 4 -5.93 2.27 -0.44
N GLU A 5 -4.96 3.04 0.05
CA GLU A 5 -5.03 4.48 0.18
C GLU A 5 -4.55 5.12 -1.13
N SER A 6 -3.46 4.60 -1.69
CA SER A 6 -2.83 5.07 -2.90
C SER A 6 -2.04 3.92 -3.54
N VAL A 7 -1.55 4.14 -4.76
CA VAL A 7 -0.67 3.19 -5.43
C VAL A 7 0.61 2.99 -4.63
N ALA A 8 1.17 4.07 -4.07
CA ALA A 8 2.36 4.03 -3.24
C ALA A 8 2.12 3.20 -1.99
N ALA A 9 1.02 3.46 -1.27
CA ALA A 9 0.65 2.71 -0.08
C ALA A 9 0.45 1.23 -0.39
N LEU A 10 -0.24 0.92 -1.50
CA LEU A 10 -0.51 -0.45 -1.93
C LEU A 10 0.79 -1.17 -2.20
N ARG A 11 1.67 -0.59 -3.03
CA ARG A 11 2.98 -1.14 -3.34
C ARG A 11 3.77 -1.43 -2.06
N ARG A 12 3.88 -0.43 -1.16
CA ARG A 12 4.61 -0.57 0.09
C ARG A 12 4.06 -1.73 0.93
N CYS A 13 2.74 -1.75 1.15
CA CYS A 13 2.05 -2.79 1.90
C CYS A 13 2.28 -4.18 1.30
N MET A 14 2.13 -4.30 -0.03
CA MET A 14 2.29 -5.52 -0.79
C MET A 14 3.71 -6.08 -0.61
N TYR A 15 4.73 -5.24 -0.80
CA TYR A 15 6.12 -5.63 -0.71
C TYR A 15 6.52 -5.95 0.74
N GLY A 16 5.98 -5.18 1.69
CA GLY A 16 6.23 -5.34 3.12
C GLY A 16 5.62 -4.18 3.89
N ARG A 1 -7.91 2.20 6.90
CA ARG A 1 -7.51 0.91 7.49
C ARG A 1 -6.65 0.10 6.52
N ASN A 2 -7.24 -0.29 5.39
CA ASN A 2 -6.61 -1.16 4.41
C ASN A 2 -5.64 -0.37 3.54
N CYS A 3 -4.65 -1.06 2.96
CA CYS A 3 -3.60 -0.47 2.14
C CYS A 3 -4.10 -0.20 0.72
N PHE A 4 -5.09 0.70 0.59
CA PHE A 4 -5.62 1.15 -0.71
C PHE A 4 -5.84 2.66 -0.72
N GLU A 5 -5.08 3.40 0.11
CA GLU A 5 -5.13 4.86 0.13
C GLU A 5 -4.45 5.45 -1.10
N SER A 6 -3.42 4.77 -1.62
CA SER A 6 -2.72 5.15 -2.84
C SER A 6 -2.03 3.92 -3.44
N VAL A 7 -1.61 4.04 -4.70
CA VAL A 7 -0.84 3.00 -5.40
C VAL A 7 0.52 2.80 -4.72
N ALA A 8 1.12 3.87 -4.20
CA ALA A 8 2.37 3.82 -3.47
C ALA A 8 2.20 3.07 -2.15
N ALA A 9 1.16 3.43 -1.38
CA ALA A 9 0.85 2.77 -0.12
C ALA A 9 0.61 1.26 -0.34
N LEU A 10 -0.24 0.92 -1.31
CA LEU A 10 -0.49 -0.45 -1.72
C LEU A 10 0.81 -1.16 -2.05
N ARG A 11 1.63 -0.57 -2.94
CA ARG A 11 2.88 -1.13 -3.43
C ARG A 11 3.82 -1.51 -2.28
N ARG A 12 4.10 -0.55 -1.38
CA ARG A 12 5.04 -0.74 -0.28
C ARG A 12 4.47 -1.67 0.80
N CYS A 13 3.18 -1.54 1.11
CA CYS A 13 2.50 -2.40 2.07
C CYS A 13 2.54 -3.87 1.61
N MET A 14 2.30 -4.10 0.31
CA MET A 14 2.28 -5.41 -0.31
C MET A 14 3.68 -6.01 -0.38
N TYR A 15 4.60 -5.33 -1.08
CA TYR A 15 5.95 -5.85 -1.32
C TYR A 15 6.86 -5.59 -0.11
N GLY A 16 7.16 -4.31 0.14
CA GLY A 16 8.06 -3.89 1.22
C GLY A 16 8.72 -2.57 0.83
N ARG A 1 -2.64 -1.75 8.84
CA ARG A 1 -2.29 -0.63 7.94
C ARG A 1 -3.25 -0.55 6.76
N ASN A 2 -3.68 0.67 6.39
CA ASN A 2 -4.57 0.89 5.28
C ASN A 2 -3.79 0.91 3.97
N CYS A 3 -3.68 -0.26 3.33
CA CYS A 3 -2.96 -0.46 2.08
C CYS A 3 -3.63 0.29 0.93
N PHE A 4 -4.97 0.22 0.86
CA PHE A 4 -5.75 0.70 -0.26
C PHE A 4 -6.14 2.17 -0.05
N GLU A 5 -5.26 3.07 -0.49
CA GLU A 5 -5.47 4.51 -0.48
C GLU A 5 -4.72 5.18 -1.63
N SER A 6 -3.51 4.69 -1.93
CA SER A 6 -2.68 5.19 -3.02
C SER A 6 -1.87 4.04 -3.61
N VAL A 7 -1.33 4.25 -4.80
CA VAL A 7 -0.45 3.32 -5.48
C VAL A 7 0.77 3.05 -4.59
N ALA A 8 1.37 4.12 -4.02
CA ALA A 8 2.50 4.02 -3.12
C ALA A 8 2.18 3.18 -1.89
N ALA A 9 1.04 3.44 -1.23
CA ALA A 9 0.62 2.71 -0.04
C ALA A 9 0.42 1.22 -0.34
N LEU A 10 -0.29 0.91 -1.42
CA LEU A 10 -0.56 -0.46 -1.86
C LEU A 10 0.76 -1.17 -2.16
N ARG A 11 1.61 -0.57 -2.99
CA ARG A 11 2.92 -1.08 -3.38
C ARG A 11 3.78 -1.40 -2.17
N ARG A 12 3.91 -0.44 -1.24
CA ARG A 12 4.69 -0.62 -0.02
C ARG A 12 4.10 -1.75 0.82
N CYS A 13 2.78 -1.80 0.97
CA CYS A 13 2.09 -2.82 1.75
C CYS A 13 2.34 -4.23 1.21
N MET A 14 2.12 -4.46 -0.08
CA MET A 14 2.25 -5.78 -0.69
C MET A 14 3.71 -6.27 -0.68
N TYR A 15 4.68 -5.34 -0.83
CA TYR A 15 6.09 -5.66 -0.65
C TYR A 15 6.35 -6.04 0.81
N GLY A 16 5.84 -5.22 1.75
CA GLY A 16 6.00 -5.41 3.18
C GLY A 16 5.57 -4.15 3.91
N ARG A 1 -5.21 1.18 8.78
CA ARG A 1 -6.24 1.09 7.73
C ARG A 1 -5.90 0.04 6.68
N ASN A 2 -6.81 -0.19 5.72
CA ASN A 2 -6.58 -1.03 4.56
C ASN A 2 -5.54 -0.38 3.63
N CYS A 3 -4.74 -1.21 2.94
CA CYS A 3 -3.65 -0.73 2.08
C CYS A 3 -4.16 -0.33 0.69
N PHE A 4 -5.10 0.63 0.67
CA PHE A 4 -5.67 1.18 -0.55
C PHE A 4 -5.91 2.69 -0.36
N GLU A 5 -4.86 3.38 0.10
CA GLU A 5 -4.83 4.82 0.22
C GLU A 5 -4.32 5.43 -1.09
N SER A 6 -3.27 4.83 -1.65
CA SER A 6 -2.68 5.20 -2.92
C SER A 6 -2.01 3.97 -3.53
N VAL A 7 -1.68 4.04 -4.83
CA VAL A 7 -0.90 3.00 -5.50
C VAL A 7 0.46 2.83 -4.82
N ALA A 8 1.05 3.92 -4.35
CA ALA A 8 2.30 3.90 -3.60
C ALA A 8 2.12 3.09 -2.32
N ALA A 9 1.17 3.48 -1.46
CA ALA A 9 0.91 2.81 -0.19
C ALA A 9 0.63 1.32 -0.39
N LEU A 10 -0.18 0.98 -1.39
CA LEU A 10 -0.46 -0.38 -1.81
C LEU A 10 0.85 -1.12 -2.07
N ARG A 11 1.72 -0.57 -2.93
CA ARG A 11 3.00 -1.16 -3.28
C ARG A 11 3.87 -1.40 -2.05
N ARG A 12 4.09 -0.39 -1.19
CA ARG A 12 4.89 -0.55 0.02
C ARG A 12 4.35 -1.69 0.90
N CYS A 13 3.05 -1.64 1.20
CA CYS A 13 2.38 -2.63 2.04
C CYS A 13 2.50 -4.04 1.47
N MET A 14 2.30 -4.19 0.16
CA MET A 14 2.44 -5.44 -0.56
C MET A 14 3.88 -5.97 -0.45
N TYR A 15 4.87 -5.08 -0.65
CA TYR A 15 6.28 -5.40 -0.51
C TYR A 15 6.72 -5.26 0.94
N GLY A 16 5.95 -5.79 1.88
CA GLY A 16 6.23 -5.72 3.31
C GLY A 16 5.94 -4.31 3.84
N ARG A 1 -2.50 -0.28 7.59
CA ARG A 1 -3.84 -0.92 7.61
C ARG A 1 -4.61 -0.64 6.33
N ASN A 2 -4.94 0.63 6.08
CA ASN A 2 -5.67 1.06 4.90
C ASN A 2 -4.71 1.22 3.73
N CYS A 3 -4.13 0.09 3.29
CA CYS A 3 -3.12 0.05 2.23
C CYS A 3 -3.68 0.52 0.88
N PHE A 4 -4.98 0.27 0.64
CA PHE A 4 -5.63 0.60 -0.62
C PHE A 4 -6.18 2.03 -0.54
N GLU A 5 -5.26 2.98 -0.34
CA GLU A 5 -5.51 4.42 -0.27
C GLU A 5 -4.76 5.15 -1.38
N SER A 6 -3.57 4.66 -1.75
CA SER A 6 -2.76 5.18 -2.85
C SER A 6 -1.94 4.04 -3.45
N VAL A 7 -1.44 4.26 -4.66
CA VAL A 7 -0.60 3.31 -5.36
C VAL A 7 0.69 3.05 -4.57
N ALA A 8 1.28 4.11 -3.99
CA ALA A 8 2.47 4.01 -3.16
C ALA A 8 2.22 3.13 -1.94
N ALA A 9 1.15 3.43 -1.20
CA ALA A 9 0.76 2.68 0.00
C ALA A 9 0.54 1.21 -0.34
N LEU A 10 -0.25 0.93 -1.38
CA LEU A 10 -0.54 -0.41 -1.88
C LEU A 10 0.77 -1.16 -2.15
N ARG A 11 1.61 -0.61 -3.05
CA ARG A 11 2.85 -1.22 -3.49
C ARG A 11 3.74 -1.59 -2.30
N ARG A 12 4.06 -0.63 -1.41
CA ARG A 12 4.94 -0.92 -0.28
C ARG A 12 4.31 -1.87 0.73
N CYS A 13 3.01 -1.73 1.01
CA CYS A 13 2.29 -2.64 1.90
C CYS A 13 2.45 -4.09 1.45
N MET A 14 2.37 -4.35 0.13
CA MET A 14 2.71 -5.66 -0.42
C MET A 14 4.21 -5.93 -0.24
N TYR A 15 5.05 -5.03 -0.76
CA TYR A 15 6.49 -5.19 -0.87
C TYR A 15 7.18 -4.65 0.39
N GLY A 16 6.86 -5.28 1.54
CA GLY A 16 7.37 -4.88 2.83
C GLY A 16 8.88 -5.15 2.93
N ARG A 1 -2.40 0.58 8.65
CA ARG A 1 -1.99 0.07 7.31
C ARG A 1 -3.04 0.37 6.25
N ASN A 2 -3.17 1.65 5.88
CA ASN A 2 -4.08 2.13 4.84
C ASN A 2 -3.49 1.86 3.45
N CYS A 3 -3.27 0.57 3.15
CA CYS A 3 -2.67 0.11 1.90
C CYS A 3 -3.49 0.56 0.70
N PHE A 4 -4.80 0.30 0.73
CA PHE A 4 -5.69 0.53 -0.40
C PHE A 4 -6.24 1.96 -0.34
N GLU A 5 -5.32 2.92 -0.39
CA GLU A 5 -5.57 4.35 -0.34
C GLU A 5 -4.85 5.02 -1.52
N SER A 6 -3.59 4.65 -1.75
CA SER A 6 -2.77 5.15 -2.85
C SER A 6 -1.95 4.00 -3.43
N VAL A 7 -1.43 4.23 -4.65
CA VAL A 7 -0.56 3.30 -5.35
C VAL A 7 0.71 3.07 -4.53
N ALA A 8 1.27 4.14 -3.95
CA ALA A 8 2.45 4.08 -3.10
C ALA A 8 2.19 3.20 -1.86
N ALA A 9 1.04 3.38 -1.21
CA ALA A 9 0.68 2.62 -0.03
C ALA A 9 0.43 1.14 -0.36
N LEU A 10 -0.23 0.87 -1.49
CA LEU A 10 -0.50 -0.48 -1.97
C LEU A 10 0.81 -1.21 -2.27
N ARG A 11 1.69 -0.57 -3.05
CA ARG A 11 3.04 -1.03 -3.35
C ARG A 11 3.80 -1.35 -2.06
N ARG A 12 3.80 -0.41 -1.11
CA ARG A 12 4.44 -0.58 0.20
C ARG A 12 3.90 -1.80 0.93
N CYS A 13 2.57 -2.02 0.88
CA CYS A 13 1.89 -3.16 1.51
C CYS A 13 2.58 -4.47 1.15
N MET A 14 2.84 -4.67 -0.14
CA MET A 14 3.54 -5.82 -0.67
C MET A 14 4.99 -5.81 -0.21
N TYR A 15 5.70 -4.71 -0.50
CA TYR A 15 7.14 -4.60 -0.34
C TYR A 15 7.48 -3.85 0.95
N GLY A 16 7.19 -4.48 2.10
CA GLY A 16 7.53 -3.98 3.41
C GLY A 16 6.58 -2.87 3.86
N ARG A 1 -7.42 2.22 6.88
CA ARG A 1 -7.16 0.92 7.53
C ARG A 1 -6.45 -0.03 6.57
N ASN A 2 -7.18 -0.53 5.57
CA ASN A 2 -6.64 -1.43 4.55
C ASN A 2 -5.72 -0.63 3.62
N CYS A 3 -4.71 -1.30 3.05
CA CYS A 3 -3.66 -0.68 2.25
C CYS A 3 -4.14 -0.37 0.83
N PHE A 4 -5.07 0.59 0.70
CA PHE A 4 -5.53 1.12 -0.58
C PHE A 4 -5.82 2.61 -0.45
N GLU A 5 -4.83 3.34 0.08
CA GLU A 5 -4.83 4.80 0.14
C GLU A 5 -4.36 5.37 -1.19
N SER A 6 -3.29 4.79 -1.76
CA SER A 6 -2.70 5.16 -3.02
C SER A 6 -1.95 3.96 -3.61
N VAL A 7 -1.45 4.11 -4.85
CA VAL A 7 -0.60 3.12 -5.49
C VAL A 7 0.70 2.94 -4.70
N ALA A 8 1.26 4.05 -4.17
CA ALA A 8 2.45 4.03 -3.34
C ALA A 8 2.19 3.25 -2.05
N ALA A 9 1.05 3.51 -1.40
CA ALA A 9 0.69 2.82 -0.17
C ALA A 9 0.51 1.32 -0.40
N LEU A 10 -0.30 0.93 -1.40
CA LEU A 10 -0.63 -0.47 -1.63
C LEU A 10 0.61 -1.28 -2.01
N ARG A 11 1.47 -0.75 -2.91
CA ARG A 11 2.64 -1.47 -3.37
C ARG A 11 3.66 -1.64 -2.23
N ARG A 12 3.94 -0.57 -1.48
CA ARG A 12 4.89 -0.61 -0.38
C ARG A 12 4.40 -1.49 0.76
N CYS A 13 3.11 -1.44 1.08
CA CYS A 13 2.50 -2.31 2.08
C CYS A 13 2.65 -3.77 1.67
N MET A 14 2.34 -4.09 0.41
CA MET A 14 2.46 -5.42 -0.16
C MET A 14 3.91 -5.93 -0.07
N TYR A 15 4.89 -5.13 -0.49
CA TYR A 15 6.30 -5.51 -0.50
C TYR A 15 6.87 -5.58 0.92
N GLY A 16 6.42 -4.68 1.81
CA GLY A 16 6.99 -4.50 3.13
C GLY A 16 8.22 -3.59 3.03
N ARG A 1 -2.69 5.30 6.40
CA ARG A 1 -4.00 4.93 6.95
C ARG A 1 -4.41 3.51 6.53
N ASN A 2 -4.26 3.21 5.24
CA ASN A 2 -4.65 1.92 4.67
C ASN A 2 -3.72 1.58 3.49
N CYS A 3 -3.63 0.28 3.16
CA CYS A 3 -2.91 -0.20 1.99
C CYS A 3 -3.58 0.31 0.72
N PHE A 4 -4.89 0.15 0.62
CA PHE A 4 -5.68 0.57 -0.54
C PHE A 4 -6.13 2.01 -0.29
N GLU A 5 -5.14 2.91 -0.36
CA GLU A 5 -5.27 4.35 -0.13
C GLU A 5 -4.65 5.09 -1.32
N SER A 6 -3.45 4.67 -1.73
CA SER A 6 -2.74 5.18 -2.88
C SER A 6 -1.94 4.04 -3.51
N VAL A 7 -1.44 4.24 -4.74
CA VAL A 7 -0.57 3.28 -5.39
C VAL A 7 0.70 3.05 -4.58
N ALA A 8 1.25 4.12 -3.99
CA ALA A 8 2.42 4.06 -3.13
C ALA A 8 2.16 3.18 -1.91
N ALA A 9 1.05 3.44 -1.19
CA ALA A 9 0.66 2.68 -0.01
C ALA A 9 0.42 1.21 -0.36
N LEU A 10 -0.24 0.93 -1.48
CA LEU A 10 -0.54 -0.42 -1.94
C LEU A 10 0.76 -1.18 -2.19
N ARG A 11 1.62 -0.64 -3.06
CA ARG A 11 2.94 -1.16 -3.38
C ARG A 11 3.71 -1.50 -2.10
N ARG A 12 3.97 -0.47 -1.28
CA ARG A 12 4.63 -0.57 0.01
C ARG A 12 4.07 -1.72 0.85
N CYS A 13 2.74 -1.78 0.98
CA CYS A 13 2.06 -2.76 1.81
C CYS A 13 2.28 -4.19 1.32
N MET A 14 1.83 -4.53 0.10
CA MET A 14 1.83 -5.93 -0.32
C MET A 14 3.23 -6.46 -0.63
N TYR A 15 4.16 -5.60 -1.07
CA TYR A 15 5.56 -5.96 -1.17
C TYR A 15 6.16 -6.16 0.22
N GLY A 16 5.86 -5.25 1.16
CA GLY A 16 6.35 -5.30 2.52
C GLY A 16 7.80 -4.82 2.57
#